data_7G1S
#
_entry.id   7G1S
#
_cell.length_a   32.575
_cell.length_b   53.988
_cell.length_c   75.411
_cell.angle_alpha   90.000
_cell.angle_beta   90.000
_cell.angle_gamma   90.000
#
_symmetry.space_group_name_H-M   'P 21 21 21'
#
loop_
_entity.id
_entity.type
_entity.pdbx_description
1 polymer 'Fatty acid-binding protein, adipocyte'
2 non-polymer 'SULFATE ION'
3 non-polymer (3R,4R,7aS)-3-(3,4-dichlorophenyl)-1H,3H-imidazo[1,5-c][1,3]thiazole-5,7(6H,7aH)-dione
4 non-polymer 'FORMIC ACID'
5 water water
#
_entity_poly.entity_id   1
_entity_poly.type   'polypeptide(L)'
_entity_poly.pdbx_seq_one_letter_code
;GSHMCDAFVGTWKLVSSENFDDYMKEVGVGFATRKVAGMAKPNMIISVNGDVITIKSESTFKNTEISFILGQEFDEVTAD
DRKVKSTITLDGGVLVHVQKWDGKSTTIKRKREDDKLVVECVMKGVTSTRVYERA
;
_entity_poly.pdbx_strand_id   A
#
loop_
_chem_comp.id
_chem_comp.type
_chem_comp.name
_chem_comp.formula
FMT non-polymer 'FORMIC ACID' 'C H2 O2'
SO4 non-polymer 'SULFATE ION' 'O4 S -2'
WPU non-polymer (3R,4R,7aS)-3-(3,4-dichlorophenyl)-1H,3H-imidazo[1,5-c][1,3]thiazole-5,7(6H,7aH)-dione 'C11 H8 Cl2 N2 O2 S'
#
# COMPACT_ATOMS: atom_id res chain seq x y z
N HIS A 3 2.19 -17.87 11.90
CA HIS A 3 1.57 -18.25 10.58
C HIS A 3 0.52 -17.28 10.06
N MET A 4 0.35 -16.16 10.80
CA MET A 4 -0.70 -15.11 10.54
C MET A 4 -0.82 -14.67 9.07
N CYS A 5 0.28 -14.19 8.58
CA CYS A 5 0.29 -13.70 7.23
C CYS A 5 0.98 -14.61 6.23
N ASP A 6 0.97 -15.93 6.45
CA ASP A 6 1.78 -16.82 5.52
C ASP A 6 1.47 -16.66 4.10
N ALA A 7 0.20 -16.49 3.76
CA ALA A 7 -0.19 -16.41 2.32
C ALA A 7 0.16 -15.09 1.68
N PHE A 8 0.59 -14.08 2.46
CA PHE A 8 1.08 -12.82 1.91
C PHE A 8 2.58 -12.83 1.67
N VAL A 9 3.35 -13.66 2.36
CA VAL A 9 4.78 -13.63 2.31
CA VAL A 9 4.79 -13.50 2.28
C VAL A 9 5.29 -13.95 0.91
N GLY A 10 6.26 -13.19 0.44
CA GLY A 10 6.90 -13.47 -0.82
C GLY A 10 7.23 -12.20 -1.57
N THR A 11 7.56 -12.37 -2.84
CA THR A 11 7.94 -11.29 -3.74
C THR A 11 6.86 -11.24 -4.82
N TRP A 12 6.31 -10.04 -5.01
CA TRP A 12 5.12 -9.82 -5.86
C TRP A 12 5.45 -8.71 -6.83
N LYS A 13 4.91 -8.81 -8.05
CA LYS A 13 5.13 -7.79 -9.10
CA LYS A 13 5.12 -7.80 -9.14
C LYS A 13 3.77 -7.22 -9.53
N LEU A 14 3.70 -5.90 -9.71
CA LEU A 14 2.45 -5.25 -10.15
C LEU A 14 2.13 -5.69 -11.57
N VAL A 15 0.89 -6.13 -11.84
CA VAL A 15 0.44 -6.47 -13.14
C VAL A 15 -0.70 -5.66 -13.69
N SER A 16 -1.48 -5.00 -12.86
CA SER A 16 -2.51 -4.11 -13.37
C SER A 16 -2.84 -3.03 -12.36
N SER A 17 -3.34 -1.92 -12.85
CA SER A 17 -3.78 -0.83 -11.98
C SER A 17 -5.04 -0.21 -12.61
N GLU A 18 -5.96 0.20 -11.78
CA GLU A 18 -7.13 0.92 -12.20
C GLU A 18 -7.34 2.11 -11.28
N ASN A 19 -7.57 3.29 -11.88
CA ASN A 19 -8.02 4.50 -11.17
CA ASN A 19 -7.96 4.50 -11.18
C ASN A 19 -6.96 5.04 -10.21
N PHE A 20 -5.69 4.66 -10.37
CA PHE A 20 -4.67 5.16 -9.43
C PHE A 20 -4.45 6.65 -9.56
N ASP A 21 -4.52 7.22 -10.77
CA ASP A 21 -4.36 8.65 -10.92
C ASP A 21 -5.45 9.39 -10.11
N ASP A 22 -6.68 8.95 -10.21
CA ASP A 22 -7.74 9.62 -9.48
C ASP A 22 -7.59 9.45 -7.98
N TYR A 23 -7.12 8.30 -7.53
CA TYR A 23 -6.80 8.10 -6.08
C TYR A 23 -5.72 9.09 -5.64
N MET A 24 -4.62 9.15 -6.38
CA MET A 24 -3.55 10.07 -6.07
C MET A 24 -4.05 11.51 -6.04
N LYS A 25 -4.87 11.94 -6.99
CA LYS A 25 -5.42 13.30 -6.93
C LYS A 25 -6.18 13.53 -5.67
N GLU A 26 -6.99 12.57 -5.24
CA GLU A 26 -7.84 12.72 -4.07
CA GLU A 26 -7.76 12.74 -4.03
C GLU A 26 -6.91 12.85 -2.80
N VAL A 27 -5.79 12.12 -2.76
CA VAL A 27 -4.82 12.18 -1.71
C VAL A 27 -4.10 13.55 -1.63
N GLY A 28 -4.00 14.22 -2.75
CA GLY A 28 -3.36 15.50 -2.85
C GLY A 28 -2.01 15.47 -3.59
N VAL A 29 -1.69 14.38 -4.28
CA VAL A 29 -0.39 14.27 -4.98
C VAL A 29 -0.40 15.23 -6.18
N GLY A 30 0.70 15.92 -6.35
CA GLY A 30 0.85 16.92 -7.45
C GLY A 30 1.11 16.25 -8.78
N PHE A 31 0.99 17.04 -9.85
CA PHE A 31 1.04 16.55 -11.24
C PHE A 31 2.28 15.72 -11.49
N ALA A 32 3.48 16.26 -11.23
CA ALA A 32 4.67 15.57 -11.66
C ALA A 32 4.88 14.24 -10.94
N THR A 33 4.63 14.24 -9.64
CA THR A 33 4.67 13.00 -8.89
C THR A 33 3.63 12.01 -9.37
N ARG A 34 2.41 12.43 -9.68
CA ARG A 34 1.46 11.48 -10.21
C ARG A 34 1.94 10.82 -11.50
N LYS A 35 2.54 11.61 -12.39
CA LYS A 35 2.96 11.03 -13.65
C LYS A 35 4.05 9.99 -13.45
N VAL A 36 5.05 10.29 -12.65
N VAL A 36 5.08 10.31 -12.68
CA VAL A 36 6.19 9.38 -12.49
CA VAL A 36 6.19 9.38 -12.49
C VAL A 36 5.75 8.20 -11.62
C VAL A 36 5.77 8.20 -11.61
N ALA A 37 4.98 8.44 -10.58
CA ALA A 37 4.52 7.35 -9.72
C ALA A 37 3.58 6.40 -10.49
N GLY A 38 2.73 6.95 -11.36
CA GLY A 38 1.83 6.13 -12.09
C GLY A 38 2.49 5.19 -13.10
N MET A 39 3.67 5.56 -13.61
CA MET A 39 4.45 4.71 -14.51
C MET A 39 5.05 3.51 -13.82
N ALA A 40 5.30 3.58 -12.53
CA ALA A 40 6.12 2.55 -11.88
C ALA A 40 5.41 1.19 -11.89
N LYS A 41 6.21 0.18 -11.95
CA LYS A 41 5.77 -1.24 -11.88
C LYS A 41 6.50 -1.88 -10.69
N PRO A 42 6.07 -1.60 -9.48
CA PRO A 42 6.85 -2.00 -8.30
C PRO A 42 6.83 -3.50 -8.05
N ASN A 43 7.92 -3.93 -7.39
CA ASN A 43 7.81 -5.20 -6.71
C ASN A 43 7.60 -4.96 -5.22
N MET A 44 6.67 -5.72 -4.68
CA MET A 44 6.32 -5.67 -3.25
C MET A 44 6.87 -6.94 -2.60
N ILE A 45 7.66 -6.75 -1.54
CA ILE A 45 8.33 -7.85 -0.85
C ILE A 45 7.79 -7.87 0.58
N ILE A 46 7.10 -8.96 0.96
CA ILE A 46 6.46 -9.10 2.27
C ILE A 46 7.15 -10.22 2.99
N SER A 47 7.57 -9.97 4.25
CA SER A 47 8.15 -10.95 5.09
C SER A 47 7.69 -10.81 6.52
N VAL A 48 7.84 -11.88 7.29
CA VAL A 48 7.45 -11.90 8.68
C VAL A 48 8.56 -12.53 9.50
N ASN A 49 8.91 -11.91 10.62
CA ASN A 49 9.87 -12.46 11.57
C ASN A 49 9.26 -12.25 12.97
N GLY A 50 8.80 -13.31 13.58
CA GLY A 50 8.11 -13.19 14.86
C GLY A 50 6.84 -12.42 14.69
N ASP A 51 6.64 -11.36 15.48
CA ASP A 51 5.45 -10.50 15.39
C ASP A 51 5.66 -9.33 14.43
N VAL A 52 6.84 -9.21 13.84
CA VAL A 52 7.13 -8.06 13.00
C VAL A 52 6.95 -8.40 11.54
N ILE A 53 6.06 -7.62 10.88
CA ILE A 53 5.81 -7.74 9.43
C ILE A 53 6.57 -6.63 8.73
N THR A 54 7.23 -6.96 7.62
CA THR A 54 7.90 -5.94 6.79
C THR A 54 7.32 -5.97 5.39
N ILE A 55 6.93 -4.79 4.90
CA ILE A 55 6.47 -4.63 3.52
C ILE A 55 7.39 -3.61 2.82
N LYS A 56 8.14 -4.09 1.83
CA LYS A 56 9.01 -3.25 1.03
C LYS A 56 8.40 -3.07 -0.35
N SER A 57 8.57 -1.89 -0.91
CA SER A 57 8.21 -1.63 -2.32
C SER A 57 9.48 -1.16 -3.03
N GLU A 58 9.90 -1.88 -4.06
CA GLU A 58 11.10 -1.57 -4.85
C GLU A 58 10.59 -1.10 -6.21
N SER A 59 10.90 0.14 -6.60
CA SER A 59 10.52 0.64 -7.94
C SER A 59 11.45 1.67 -8.46
N THR A 60 11.24 1.96 -9.71
CA THR A 60 12.01 2.99 -10.39
C THR A 60 11.65 4.37 -9.88
N PHE A 61 10.47 4.56 -9.26
CA PHE A 61 10.05 5.84 -8.70
C PHE A 61 10.70 6.05 -7.33
N LYS A 62 10.29 5.26 -6.37
N LYS A 62 10.27 5.30 -6.34
CA LYS A 62 10.74 5.35 -5.01
CA LYS A 62 10.74 5.49 -4.99
C LYS A 62 10.83 3.91 -4.49
C LYS A 62 10.56 4.24 -4.18
N ASN A 63 11.68 3.77 -3.52
N ASN A 63 11.66 3.74 -3.61
CA ASN A 63 11.63 2.59 -2.71
CA ASN A 63 11.66 2.54 -2.74
C ASN A 63 11.03 3.05 -1.35
C ASN A 63 11.29 2.80 -1.27
N THR A 64 10.18 2.19 -0.82
CA THR A 64 9.64 2.38 0.51
C THR A 64 9.81 1.05 1.33
N GLU A 65 9.77 1.21 2.65
CA GLU A 65 9.85 0.06 3.52
C GLU A 65 9.18 0.42 4.84
N ILE A 66 8.28 -0.47 5.27
CA ILE A 66 7.68 -0.36 6.61
C ILE A 66 7.83 -1.65 7.33
N SER A 67 8.12 -1.59 8.64
CA SER A 67 8.06 -2.71 9.54
C SER A 67 7.16 -2.35 10.70
N PHE A 68 6.34 -3.30 11.14
CA PHE A 68 5.27 -2.99 12.11
C PHE A 68 4.79 -4.26 12.78
N ILE A 69 4.11 -4.01 13.90
CA ILE A 69 3.37 -5.01 14.69
C ILE A 69 1.89 -4.69 14.51
N LEU A 70 1.06 -5.72 14.28
CA LEU A 70 -0.38 -5.47 14.08
C LEU A 70 -0.97 -4.76 15.28
N GLY A 71 -1.76 -3.72 14.99
CA GLY A 71 -2.45 -2.94 15.97
C GLY A 71 -1.64 -1.87 16.67
N GLN A 72 -0.39 -1.69 16.30
CA GLN A 72 0.56 -0.77 16.97
C GLN A 72 0.97 0.35 16.03
N GLU A 73 0.53 1.57 16.33
CA GLU A 73 0.75 2.74 15.46
C GLU A 73 2.24 2.98 15.23
N PHE A 74 2.56 3.44 14.03
CA PHE A 74 3.97 3.79 13.66
C PHE A 74 4.00 4.99 12.73
N ASP A 75 5.21 5.56 12.62
N ASP A 75 5.16 5.61 12.64
CA ASP A 75 5.55 6.58 11.63
CA ASP A 75 5.32 6.74 11.72
C ASP A 75 5.90 6.04 10.28
C ASP A 75 5.88 6.16 10.35
N GLU A 76 5.30 6.69 9.24
CA GLU A 76 5.60 6.22 7.89
C GLU A 76 5.84 7.46 7.00
N VAL A 77 6.79 7.40 6.12
CA VAL A 77 6.97 8.36 5.06
C VAL A 77 6.55 7.67 3.76
N THR A 78 5.49 8.19 3.12
CA THR A 78 4.92 7.56 1.98
C THR A 78 5.77 7.87 0.75
N ALA A 79 5.49 7.22 -0.35
CA ALA A 79 6.27 7.43 -1.60
C ALA A 79 6.17 8.85 -2.13
N ASP A 80 5.03 9.48 -1.92
CA ASP A 80 4.76 10.87 -2.27
C ASP A 80 5.16 11.86 -1.17
N ASP A 81 5.86 11.40 -0.13
CA ASP A 81 6.50 12.22 0.85
C ASP A 81 5.56 12.79 1.84
N ARG A 82 4.39 12.14 2.04
CA ARG A 82 3.55 12.49 3.22
C ARG A 82 4.22 11.86 4.44
N LYS A 83 4.10 12.57 5.58
CA LYS A 83 4.51 12.07 6.90
C LYS A 83 3.23 11.69 7.60
N VAL A 84 2.97 10.38 7.74
CA VAL A 84 1.70 9.93 8.22
C VAL A 84 1.90 9.02 9.48
N LYS A 85 0.80 8.90 10.22
N LYS A 85 0.77 8.91 10.21
CA LYS A 85 0.73 7.97 11.33
CA LYS A 85 0.63 7.98 11.35
C LYS A 85 -0.16 6.82 10.88
C LYS A 85 -0.23 6.80 10.91
N SER A 86 0.39 5.59 10.94
CA SER A 86 -0.21 4.40 10.34
C SER A 86 -0.50 3.37 11.40
N THR A 87 -1.61 2.63 11.19
CA THR A 87 -1.91 1.44 11.97
C THR A 87 -2.40 0.37 11.05
N ILE A 88 -1.85 -0.85 11.15
CA ILE A 88 -2.21 -1.97 10.30
C ILE A 88 -2.74 -3.08 11.18
N THR A 89 -3.90 -3.60 10.82
CA THR A 89 -4.56 -4.72 11.51
C THR A 89 -4.91 -5.83 10.50
N LEU A 90 -5.25 -7.00 11.01
CA LEU A 90 -5.71 -8.09 10.21
CA LEU A 90 -5.90 -8.09 10.22
C LEU A 90 -7.31 -8.15 10.52
N ASP A 91 -8.14 -8.09 9.52
CA ASP A 91 -9.60 -8.16 9.73
C ASP A 91 -10.07 -9.22 8.80
N GLY A 92 -10.49 -10.35 9.34
CA GLY A 92 -10.97 -11.38 8.48
C GLY A 92 -10.03 -11.81 7.34
N GLY A 93 -8.76 -11.93 7.69
CA GLY A 93 -7.75 -12.35 6.67
C GLY A 93 -7.22 -11.25 5.72
N VAL A 94 -7.72 -10.02 5.87
CA VAL A 94 -7.34 -8.84 5.07
C VAL A 94 -6.47 -7.94 5.89
N LEU A 95 -5.32 -7.54 5.34
CA LEU A 95 -4.49 -6.52 6.03
C LEU A 95 -5.12 -5.14 5.74
N VAL A 96 -5.44 -4.42 6.79
CA VAL A 96 -6.09 -3.12 6.69
C VAL A 96 -5.15 -2.04 7.23
N HIS A 97 -4.68 -1.16 6.38
CA HIS A 97 -3.62 -0.13 6.66
C HIS A 97 -4.26 1.24 6.59
N VAL A 98 -4.36 1.91 7.73
CA VAL A 98 -4.98 3.23 7.83
C VAL A 98 -3.84 4.24 8.03
N GLN A 99 -3.79 5.27 7.19
CA GLN A 99 -2.81 6.39 7.27
C GLN A 99 -3.55 7.67 7.62
N LYS A 100 -3.07 8.38 8.65
CA LYS A 100 -3.62 9.64 9.11
C LYS A 100 -2.57 10.77 9.02
N TRP A 101 -2.99 11.89 8.42
CA TRP A 101 -2.10 13.06 8.29
C TRP A 101 -2.89 14.30 8.04
N ASP A 102 -2.54 15.42 8.64
CA ASP A 102 -3.18 16.69 8.36
C ASP A 102 -4.67 16.59 8.44
N GLY A 103 -5.21 15.85 9.36
CA GLY A 103 -6.62 15.69 9.48
C GLY A 103 -7.36 14.84 8.47
N LYS A 104 -6.60 14.23 7.56
CA LYS A 104 -7.09 13.36 6.50
C LYS A 104 -6.82 11.90 6.86
N SER A 105 -7.44 10.99 6.11
CA SER A 105 -7.25 9.54 6.30
C SER A 105 -7.42 8.84 4.95
N THR A 106 -6.63 7.79 4.74
CA THR A 106 -6.79 6.89 3.59
C THR A 106 -6.56 5.49 4.11
N THR A 107 -7.24 4.50 3.50
CA THR A 107 -7.16 3.09 3.89
C THR A 107 -6.71 2.27 2.67
N ILE A 108 -5.72 1.42 2.90
CA ILE A 108 -5.19 0.50 1.91
C ILE A 108 -5.46 -0.91 2.42
N LYS A 109 -6.20 -1.72 1.69
CA LYS A 109 -6.48 -3.11 2.02
C LYS A 109 -5.70 -4.02 1.10
N ARG A 110 -5.12 -5.08 1.67
CA ARG A 110 -4.34 -6.05 0.91
C ARG A 110 -4.93 -7.43 1.21
N LYS A 111 -5.26 -8.18 0.15
CA LYS A 111 -6.02 -9.44 0.29
C LYS A 111 -5.39 -10.46 -0.73
N ARG A 112 -5.41 -11.72 -0.36
CA ARG A 112 -5.11 -12.80 -1.28
C ARG A 112 -6.36 -13.24 -1.96
N GLU A 113 -6.31 -13.30 -3.28
CA GLU A 113 -7.47 -13.74 -4.09
C GLU A 113 -6.90 -14.61 -5.20
N ASP A 114 -7.23 -15.90 -5.22
CA ASP A 114 -6.63 -16.82 -6.13
C ASP A 114 -5.07 -16.75 -5.99
N ASP A 115 -4.34 -16.65 -7.09
CA ASP A 115 -2.89 -16.53 -7.00
C ASP A 115 -2.42 -15.08 -7.00
N LYS A 116 -3.32 -14.13 -6.77
CA LYS A 116 -2.99 -12.69 -6.78
C LYS A 116 -3.02 -12.14 -5.36
N LEU A 117 -2.33 -11.01 -5.23
CA LEU A 117 -2.46 -10.16 -4.09
CA LEU A 117 -2.46 -10.12 -4.10
C LEU A 117 -3.09 -8.85 -4.61
N VAL A 118 -4.27 -8.53 -4.11
CA VAL A 118 -5.07 -7.39 -4.55
C VAL A 118 -4.94 -6.28 -3.51
N VAL A 119 -4.60 -5.09 -4.00
CA VAL A 119 -4.42 -3.91 -3.15
C VAL A 119 -5.47 -2.88 -3.53
N GLU A 120 -6.33 -2.57 -2.57
CA GLU A 120 -7.41 -1.59 -2.78
C GLU A 120 -7.17 -0.38 -1.92
N CYS A 121 -7.07 0.79 -2.56
CA CYS A 121 -6.72 2.05 -1.91
CA CYS A 121 -6.78 2.00 -1.81
C CYS A 121 -7.90 2.96 -1.99
N VAL A 122 -8.37 3.50 -0.87
CA VAL A 122 -9.60 4.30 -0.85
C VAL A 122 -9.27 5.65 -0.17
N MET A 123 -9.67 6.69 -0.84
CA MET A 123 -9.55 8.11 -0.33
CA MET A 123 -9.76 7.94 -0.17
C MET A 123 -10.96 8.70 -0.57
N LYS A 124 -11.79 8.82 0.51
N LYS A 124 -11.49 9.51 0.32
CA LYS A 124 -13.15 9.36 0.41
CA LYS A 124 -12.72 10.28 0.00
C LYS A 124 -13.87 8.47 -0.49
C LYS A 124 -13.58 9.71 -1.17
N GLY A 125 -14.50 9.04 -1.56
N GLY A 125 -13.98 8.46 -1.08
CA GLY A 125 -15.28 8.25 -2.52
CA GLY A 125 -14.97 7.95 -2.09
C GLY A 125 -14.49 7.54 -3.61
C GLY A 125 -14.45 7.48 -3.44
N VAL A 126 -13.14 7.65 -3.61
CA VAL A 126 -12.36 7.17 -4.77
C VAL A 126 -11.55 5.93 -4.39
N THR A 127 -11.73 4.89 -5.18
CA THR A 127 -11.00 3.63 -5.00
C THR A 127 -10.11 3.37 -6.19
N SER A 128 -8.89 2.89 -5.90
CA SER A 128 -7.99 2.31 -6.93
C SER A 128 -7.72 0.86 -6.55
N THR A 129 -7.70 -0.01 -7.56
CA THR A 129 -7.37 -1.41 -7.41
C THR A 129 -6.09 -1.73 -8.17
N ARG A 130 -5.12 -2.31 -7.46
CA ARG A 130 -3.80 -2.68 -7.99
C ARG A 130 -3.57 -4.14 -7.73
N VAL A 131 -3.32 -4.89 -8.79
CA VAL A 131 -3.19 -6.35 -8.73
C VAL A 131 -1.76 -6.77 -8.91
N TYR A 132 -1.26 -7.59 -8.00
CA TYR A 132 0.08 -8.18 -8.00
C TYR A 132 0.03 -9.67 -8.20
N GLU A 133 1.03 -10.21 -8.91
CA GLU A 133 1.22 -11.66 -9.03
C GLU A 133 2.59 -12.02 -8.48
N ARG A 134 2.83 -13.32 -8.21
CA ARG A 134 4.14 -13.72 -7.76
C ARG A 134 5.20 -13.39 -8.76
N ALA A 135 6.33 -12.91 -8.29
CA ALA A 135 7.46 -12.49 -9.17
C ALA A 135 8.25 -13.68 -9.55
S SO4 B . -3.92 4.06 -13.46
O1 SO4 B . -4.34 3.15 -12.46
O2 SO4 B . -2.40 3.97 -13.49
O3 SO4 B . -4.55 3.71 -14.84
O4 SO4 B . -4.20 5.59 -13.21
S SO4 C . 0.29 -19.93 -3.07
O1 SO4 C . 1.48 -19.54 -3.88
O2 SO4 C . 0.42 -21.31 -2.70
O3 SO4 C . -0.98 -19.75 -3.85
O4 SO4 C . 0.39 -19.18 -1.80
C11 WPU D . 0.48 5.67 -2.66
C15 WPU D . 2.59 5.76 -4.45
C16 WPU D . 1.87 6.94 -4.19
N1 WPU D . 1.23 1.95 -2.90
C2 WPU D . 0.82 3.17 -2.25
C3 WPU D . 0.58 1.53 -4.08
C4 WPU D . 1.95 0.88 -2.35
C5 WPU D . 1.24 4.50 -2.90
S6 WPU D . -0.88 2.84 -2.23
C7 WPU D . -0.84 1.92 -3.72
C8 WPU D . 0.95 0.15 -4.25
N9 WPU D . 1.80 -0.24 -3.23
O10 WPU D . 2.60 0.93 -1.31
C12 WPU D . 2.30 4.59 -3.80
O13 WPU D . 0.64 -0.58 -5.17
C14 WPU D . 0.81 6.87 -3.27
CL17 WPU D . -0.14 8.27 -3.04
CL18 WPU D . 2.27 8.35 -5.06
H24 WPU D . -0.37 5.64 -1.98
H26 WPU D . 3.42 5.80 -5.13
H19 WPU D . 1.17 3.16 -1.24
H20 WPU D . 0.92 2.13 -4.92
H21 WPU D . -1.41 1.02 -3.59
H22 WPU D . -1.26 2.51 -4.52
H25 WPU D . 2.89 3.71 -4.03
C FMT E . -10.65 6.50 5.05
O1 FMT E . -10.59 6.01 3.67
O2 FMT E . -9.40 6.04 5.71
#